data_5EG6
#
_entry.id   5EG6
#
_cell.length_a   76.788
_cell.length_b   96.410
_cell.length_c   96.711
_cell.angle_alpha   90.00
_cell.angle_beta   90.00
_cell.angle_gamma   90.00
#
_symmetry.space_group_name_H-M   'P 21 2 21'
#
loop_
_entity.id
_entity.type
_entity.pdbx_description
1 polymer "DNA (5'-D(*AP*AP*TP*CP*TP*TP*TP*CP*CP*CP*AP*CP*AP*GP*T)-3')"
2 polymer 'Recombining binding protein suppressor of hairless'
3 polymer hRITA
4 polymer "DNA (5'-D(*TP*TP*AP*CP*TP*GP*TP*GP*GP*GP*AP*AP*AP*GP*A)-3')"
5 non-polymer 1,2-ETHANEDIOL
6 non-polymer 1,4-BUTANEDIOL
7 water water
#
loop_
_entity_poly.entity_id
_entity_poly.type
_entity_poly.pdbx_seq_one_letter_code
_entity_poly.pdbx_strand_id
1 'polydeoxyribonucleotide' (DA)(DA)(DT)(DC)(DT)(DT)(DT)(DC)(DC)(DC)(DA)(DC)(DA)(DG)(DT) B
2 'polypeptide(L)'
;PPKRLTREAMRNYLKERGDQTVLILHAKVAQKSYGNEKRFFCPPPCVYLMGSGWKKKKEQMERDGCSEQESQPCAFIGIG
NSDQEMQQLNLEGKNYCTAKTLYISDSDKRKHFMLSVKMFYGNSDDIGVFLSKRIKVISKPSKKKQSLKNADLCIASGTK
VALFNRLRSQTVSTRYLHVEGGNFHASSQQWGAFYIHLLDDDESEGEEFTVRDGYIHYGQTVKLVCSVTGMALPRLIIRK
VDKQTALLDADDPVSQLHKCAFYLKDTERMYLCLSQERIIQFQATPCPKEQNKEMINDGASWTIISTDKAEYTFYEGMGP
VLAPVTPVPVVESLQLNGGGDVAMLELTGQNFTPNLRVWFGDVEAETMYRCGESMLCVVPDISAFREGWRWVRQPVQVPV
TLVRNDGVIYSTSLTFTYTPEP
;
C
3 'polypeptide(L)' DAAKLRALLWTPPPTP R
4 'polydeoxyribonucleotide' (DT)(DT)(DA)(DC)(DT)(DG)(DT)(DG)(DG)(DG)(DA)(DA)(DA)(DG)(DA) A
#
# COMPACT_ATOMS: atom_id res chain seq x y z
N PRO B 1 -30.67 -13.80 12.15
CA PRO B 1 -31.60 -12.67 12.16
C PRO B 1 -30.89 -11.31 12.11
N PRO B 2 -30.67 -10.78 10.89
CA PRO B 2 -29.92 -9.52 10.67
C PRO B 2 -30.54 -8.30 11.34
N LYS B 3 -29.69 -7.47 11.97
CA LYS B 3 -30.16 -6.27 12.65
C LYS B 3 -29.63 -5.01 11.98
N ARG B 4 -30.53 -4.05 11.74
CA ARG B 4 -30.12 -2.73 11.27
C ARG B 4 -29.31 -2.02 12.34
N LEU B 5 -28.37 -1.19 11.89
CA LEU B 5 -27.59 -0.40 12.83
C LEU B 5 -28.52 0.56 13.56
N THR B 6 -28.35 0.66 14.88
CA THR B 6 -29.11 1.61 15.69
C THR B 6 -28.26 2.85 15.88
N ARG B 7 -28.89 3.96 16.23
CA ARG B 7 -28.15 5.20 16.51
C ARG B 7 -27.24 5.06 17.72
N GLU B 8 -27.64 4.25 18.70
CA GLU B 8 -26.78 3.99 19.84
C GLU B 8 -25.51 3.27 19.40
N ALA B 9 -25.67 2.26 18.55
CA ALA B 9 -24.52 1.53 18.06
C ALA B 9 -23.62 2.44 17.22
N MET B 10 -24.21 3.32 16.41
CA MET B 10 -23.41 4.23 15.58
C MET B 10 -22.59 5.18 16.45
N ARG B 11 -23.20 5.72 17.50
CA ARG B 11 -22.48 6.63 18.38
C ARG B 11 -21.31 5.93 19.06
N ASN B 12 -21.51 4.66 19.42
CA ASN B 12 -20.44 3.87 20.01
C ASN B 12 -19.31 3.64 19.02
N TYR B 13 -19.68 3.29 17.78
CA TYR B 13 -18.68 3.24 16.71
C TYR B 13 -17.95 4.56 16.58
N LEU B 14 -18.69 5.65 16.39
CA LEU B 14 -18.04 6.93 16.09
C LEU B 14 -17.08 7.41 17.18
N LYS B 15 -17.28 7.00 18.44
CA LYS B 15 -16.35 7.46 19.46
C LYS B 15 -15.13 6.57 19.64
N GLU B 16 -15.18 5.36 19.09
CA GLU B 16 -14.07 4.41 19.21
C GLU B 16 -13.32 4.18 17.89
N ARG B 17 -14.07 3.96 16.81
CA ARG B 17 -13.45 3.75 15.50
C ARG B 17 -12.51 2.53 15.51
N GLY B 18 -12.98 1.44 16.11
CA GLY B 18 -12.17 0.22 16.19
C GLY B 18 -12.32 -0.67 14.96
N ASP B 19 -11.95 -0.16 13.79
CA ASP B 19 -12.19 -0.90 12.54
C ASP B 19 -11.33 -2.15 12.36
N GLN B 20 -11.80 -3.05 11.51
CA GLN B 20 -10.93 -4.07 10.94
C GLN B 20 -10.50 -3.63 9.54
N THR B 21 -9.19 -3.62 9.31
CA THR B 21 -8.64 -3.25 8.00
C THR B 21 -7.83 -4.41 7.41
N VAL B 22 -8.01 -4.64 6.11
CA VAL B 22 -7.15 -5.57 5.37
C VAL B 22 -6.33 -4.74 4.42
N LEU B 23 -5.01 -4.83 4.56
CA LEU B 23 -4.10 -4.07 3.71
C LEU B 23 -3.40 -5.10 2.81
N ILE B 24 -3.44 -4.91 1.49
CA ILE B 24 -2.67 -5.76 0.58
C ILE B 24 -1.55 -4.97 -0.09
N LEU B 25 -0.30 -5.30 0.23
CA LEU B 25 0.87 -4.58 -0.31
C LEU B 25 1.51 -5.43 -1.40
N HIS B 26 1.85 -4.82 -2.53
CA HIS B 26 2.35 -5.62 -3.66
C HIS B 26 3.03 -4.76 -4.71
N ALA B 27 3.69 -5.41 -5.64
CA ALA B 27 4.36 -4.69 -6.73
C ALA B 27 3.40 -4.40 -7.88
N LYS B 28 3.76 -3.46 -8.75
CA LYS B 28 2.90 -3.06 -9.85
C LYS B 28 3.11 -3.84 -11.15
N VAL B 29 4.19 -4.60 -11.23
CA VAL B 29 4.41 -5.46 -12.39
C VAL B 29 4.85 -6.83 -11.91
N ALA B 30 4.68 -7.84 -12.75
CA ALA B 30 5.13 -9.20 -12.45
C ALA B 30 5.69 -9.82 -13.73
N GLN B 31 6.84 -10.47 -13.61
CA GLN B 31 7.45 -11.11 -14.76
C GLN B 31 6.81 -12.49 -14.92
N LYS B 32 6.36 -12.80 -16.14
CA LYS B 32 5.70 -14.08 -16.45
C LYS B 32 6.66 -15.28 -16.46
N SER B 33 6.08 -16.47 -16.33
CA SER B 33 6.86 -17.70 -16.35
C SER B 33 6.55 -18.46 -17.64
N TYR B 34 7.60 -19.00 -18.26
CA TYR B 34 7.45 -19.70 -19.53
C TYR B 34 7.62 -21.19 -19.32
N GLY B 35 6.93 -22.00 -20.11
CA GLY B 35 7.04 -23.44 -19.98
C GLY B 35 6.64 -23.90 -18.59
N ASN B 36 7.53 -24.66 -17.93
CA ASN B 36 7.23 -25.14 -16.57
C ASN B 36 7.95 -24.37 -15.46
N GLU B 37 8.61 -23.27 -15.82
CA GLU B 37 9.20 -22.35 -14.84
C GLU B 37 8.21 -21.82 -13.82
N LYS B 38 8.73 -21.45 -12.65
CA LYS B 38 8.00 -20.61 -11.70
C LYS B 38 8.93 -19.46 -11.36
N ARG B 39 8.62 -18.27 -11.85
CA ARG B 39 9.38 -17.10 -11.44
C ARG B 39 8.57 -16.33 -10.40
N PHE B 40 8.96 -16.47 -9.13
CA PHE B 40 8.10 -15.99 -8.03
C PHE B 40 7.95 -14.47 -8.02
N PHE B 41 6.75 -14.00 -7.71
CA PHE B 41 6.53 -12.56 -7.56
C PHE B 41 7.45 -12.03 -6.46
N CYS B 42 8.12 -10.92 -6.72
CA CYS B 42 9.10 -10.39 -5.78
C CYS B 42 9.09 -8.86 -5.87
N PRO B 43 8.90 -8.15 -4.74
CA PRO B 43 8.74 -8.63 -3.37
C PRO B 43 7.48 -9.48 -3.22
N PRO B 44 7.44 -10.37 -2.21
CA PRO B 44 6.25 -11.19 -2.05
C PRO B 44 5.05 -10.34 -1.61
N PRO B 45 3.89 -10.49 -2.28
CA PRO B 45 2.69 -9.76 -1.83
C PRO B 45 2.43 -10.02 -0.37
N CYS B 46 2.04 -8.97 0.33
CA CYS B 46 1.91 -9.06 1.77
C CYS B 46 0.49 -8.65 2.20
N VAL B 47 -0.13 -9.42 3.09
CA VAL B 47 -1.43 -9.07 3.63
C VAL B 47 -1.22 -8.64 5.07
N TYR B 48 -1.62 -7.42 5.41
CA TYR B 48 -1.58 -6.93 6.81
C TYR B 48 -2.98 -6.75 7.37
N LEU B 49 -3.21 -7.25 8.57
CA LEU B 49 -4.49 -7.09 9.24
C LEU B 49 -4.35 -5.96 10.25
N MET B 50 -4.76 -4.76 9.84
CA MET B 50 -4.55 -3.55 10.61
C MET B 50 -5.80 -3.14 11.38
N GLY B 51 -5.60 -2.37 12.44
CA GLY B 51 -6.72 -1.87 13.20
C GLY B 51 -7.00 -2.63 14.48
N SER B 52 -7.53 -1.92 15.47
CA SER B 52 -7.83 -2.52 16.76
C SER B 52 -9.03 -3.48 16.66
N GLY B 53 -9.77 -3.40 15.56
CA GLY B 53 -10.93 -4.24 15.36
C GLY B 53 -10.68 -5.75 15.32
N TRP B 54 -9.44 -6.15 14.98
CA TRP B 54 -9.11 -7.57 14.93
C TRP B 54 -9.08 -8.19 16.32
N LYS B 55 -8.41 -7.52 17.24
CA LYS B 55 -8.37 -7.97 18.62
C LYS B 55 -9.78 -7.97 19.25
N LYS B 56 -10.53 -6.90 18.98
CA LYS B 56 -11.91 -6.80 19.46
C LYS B 56 -12.76 -7.95 18.93
N LYS B 57 -12.60 -8.27 17.65
CA LYS B 57 -13.37 -9.34 17.07
C LYS B 57 -12.99 -10.67 17.70
N LYS B 58 -11.68 -10.89 17.87
CA LYS B 58 -11.20 -12.12 18.49
C LYS B 58 -11.81 -12.29 19.90
N GLU B 59 -11.82 -11.22 20.70
CA GLU B 59 -12.40 -11.27 22.04
C GLU B 59 -13.89 -11.59 22.02
N GLN B 60 -14.60 -11.02 21.05
CA GLN B 60 -16.01 -11.33 20.90
C GLN B 60 -16.24 -12.81 20.58
N MET B 61 -15.48 -13.37 19.63
CA MET B 61 -15.70 -14.76 19.27
C MET B 61 -15.42 -15.69 20.45
N GLU B 62 -14.38 -15.37 21.23
CA GLU B 62 -14.04 -16.20 22.39
C GLU B 62 -15.00 -16.04 23.57
N ARG B 63 -15.53 -14.82 23.78
CA ARG B 63 -16.60 -14.64 24.77
C ARG B 63 -17.78 -15.52 24.42
N ASP B 64 -18.10 -15.61 23.13
CA ASP B 64 -19.23 -16.41 22.68
C ASP B 64 -18.96 -17.91 22.57
N GLY B 65 -17.78 -18.36 23.03
CA GLY B 65 -17.50 -19.79 23.07
C GLY B 65 -16.38 -20.34 22.20
N CYS B 66 -15.93 -19.55 21.22
CA CYS B 66 -14.89 -20.04 20.29
C CYS B 66 -13.53 -20.28 20.93
N SER B 67 -12.84 -21.32 20.46
CA SER B 67 -11.43 -21.53 20.83
C SER B 67 -10.52 -20.57 20.07
N GLU B 68 -9.23 -20.56 20.43
CA GLU B 68 -8.25 -19.79 19.71
C GLU B 68 -8.13 -20.16 18.23
N GLN B 69 -8.16 -21.45 17.93
CA GLN B 69 -8.10 -21.89 16.53
C GLN B 69 -9.34 -21.44 15.76
N GLU B 70 -10.49 -21.39 16.44
CA GLU B 70 -11.72 -21.00 15.76
C GLU B 70 -11.76 -19.49 15.50
N SER B 71 -11.06 -18.71 16.30
CA SER B 71 -11.07 -17.26 16.14
C SER B 71 -9.92 -16.77 15.29
N GLN B 72 -8.95 -17.65 15.01
CA GLN B 72 -7.81 -17.30 14.16
C GLN B 72 -8.26 -16.92 12.74
N PRO B 73 -7.94 -15.69 12.31
CA PRO B 73 -8.18 -15.32 10.90
C PRO B 73 -7.34 -16.17 9.95
N CYS B 74 -7.93 -16.61 8.84
CA CYS B 74 -7.20 -17.42 7.85
C CYS B 74 -7.26 -16.70 6.52
N ALA B 75 -6.23 -16.87 5.69
CA ALA B 75 -6.23 -16.26 4.36
C ALA B 75 -5.61 -17.17 3.31
N PHE B 76 -6.21 -17.14 2.12
CA PHE B 76 -5.69 -17.78 0.94
C PHE B 76 -5.50 -16.71 -0.12
N ILE B 77 -4.52 -16.89 -1.00
CA ILE B 77 -4.26 -15.91 -2.04
C ILE B 77 -4.06 -16.60 -3.38
N GLY B 78 -4.53 -15.96 -4.44
CA GLY B 78 -4.33 -16.50 -5.77
C GLY B 78 -4.30 -15.35 -6.76
N ILE B 79 -4.04 -15.68 -8.02
CA ILE B 79 -4.09 -14.68 -9.08
C ILE B 79 -5.48 -14.78 -9.71
N GLY B 80 -5.76 -13.99 -10.74
CA GLY B 80 -7.13 -13.85 -11.27
C GLY B 80 -7.99 -15.10 -11.35
N ASN B 81 -8.29 -15.67 -10.18
CA ASN B 81 -8.98 -16.97 -9.99
C ASN B 81 -8.88 -18.04 -11.09
N SER B 82 -7.84 -17.95 -11.91
CA SER B 82 -7.60 -18.91 -12.98
C SER B 82 -7.29 -20.31 -12.43
N GLU B 85 -6.87 -23.88 -6.07
CA GLU B 85 -5.86 -23.18 -6.86
C GLU B 85 -5.14 -22.08 -6.05
N MET B 86 -5.71 -21.72 -4.91
CA MET B 86 -5.15 -20.66 -4.07
C MET B 86 -4.12 -21.20 -3.08
N GLN B 87 -3.18 -20.36 -2.68
CA GLN B 87 -2.14 -20.73 -1.73
C GLN B 87 -2.54 -20.27 -0.34
N GLN B 88 -2.40 -21.15 0.65
CA GLN B 88 -2.75 -20.77 2.02
C GLN B 88 -1.66 -19.91 2.60
N LEU B 89 -2.02 -18.88 3.33
CA LEU B 89 -1.03 -18.05 4.01
C LEU B 89 -1.06 -18.41 5.49
N ASN B 90 0.04 -18.16 6.22
CA ASN B 90 0.01 -18.43 7.65
C ASN B 90 0.08 -17.16 8.51
N LEU B 91 -0.99 -16.92 9.28
CA LEU B 91 -1.14 -15.68 10.03
C LEU B 91 -1.01 -15.86 11.54
N GLU B 92 -0.81 -17.10 11.99
CA GLU B 92 -0.73 -17.37 13.42
C GLU B 92 0.46 -16.66 14.06
N GLY B 93 0.19 -15.93 15.15
CA GLY B 93 1.24 -15.27 15.89
C GLY B 93 1.67 -13.93 15.32
N LYS B 94 1.01 -13.47 14.26
CA LYS B 94 1.41 -12.24 13.59
C LYS B 94 0.20 -11.54 13.01
N ASN B 95 0.35 -10.25 12.73
CA ASN B 95 -0.72 -9.51 12.06
C ASN B 95 -0.50 -9.41 10.54
N TYR B 96 0.47 -10.17 10.02
CA TYR B 96 0.72 -10.16 8.58
C TYR B 96 1.21 -11.51 8.08
N CYS B 97 1.11 -11.70 6.78
CA CYS B 97 1.64 -12.87 6.12
C CYS B 97 2.10 -12.49 4.72
N THR B 98 3.20 -13.06 4.25
CA THR B 98 3.68 -12.83 2.87
C THR B 98 3.46 -14.05 1.97
N ALA B 99 3.20 -13.84 0.69
CA ALA B 99 3.03 -14.95 -0.27
C ALA B 99 4.27 -15.05 -1.13
N LYS B 100 5.10 -16.05 -0.84
CA LYS B 100 6.44 -16.10 -1.42
C LYS B 100 6.60 -16.98 -2.67
N THR B 101 5.54 -17.68 -3.08
CA THR B 101 5.68 -18.61 -4.21
C THR B 101 4.58 -18.45 -5.25
N LEU B 102 4.17 -17.20 -5.50
CA LEU B 102 3.16 -16.94 -6.52
C LEU B 102 3.87 -16.70 -7.84
N TYR B 103 3.27 -17.14 -8.94
CA TYR B 103 3.87 -16.93 -10.23
C TYR B 103 2.76 -16.91 -11.25
N ILE B 104 3.07 -16.45 -12.46
CA ILE B 104 2.07 -16.48 -13.52
C ILE B 104 2.63 -17.07 -14.82
N SER B 105 1.94 -18.09 -15.32
CA SER B 105 2.36 -18.82 -16.52
C SER B 105 1.96 -18.07 -17.79
N ASP B 106 2.76 -18.20 -18.85
CA ASP B 106 2.43 -17.59 -20.13
C ASP B 106 1.18 -18.22 -20.74
N SER B 107 0.72 -19.33 -20.16
CA SER B 107 -0.57 -19.91 -20.51
C SER B 107 -1.71 -18.95 -20.17
N ASP B 108 -1.43 -18.01 -19.28
CA ASP B 108 -2.38 -16.97 -18.91
C ASP B 108 -2.12 -15.78 -19.84
N LYS B 109 -3.11 -15.39 -20.63
CA LYS B 109 -2.87 -14.41 -21.68
C LYS B 109 -3.10 -12.98 -21.21
N ARG B 110 -3.58 -12.84 -19.98
CA ARG B 110 -3.93 -11.52 -19.46
C ARG B 110 -2.71 -10.58 -19.47
N LYS B 111 -2.96 -9.32 -19.81
CA LYS B 111 -1.93 -8.29 -19.79
C LYS B 111 -1.82 -7.72 -18.38
N HIS B 112 -2.92 -7.81 -17.62
CA HIS B 112 -3.03 -7.27 -16.27
C HIS B 112 -3.85 -8.25 -15.43
N PHE B 113 -3.65 -8.25 -14.11
CA PHE B 113 -4.46 -9.08 -13.21
C PHE B 113 -4.50 -8.49 -11.81
N MET B 114 -5.35 -9.06 -10.96
CA MET B 114 -5.33 -8.68 -9.56
C MET B 114 -5.17 -9.93 -8.69
N LEU B 115 -4.44 -9.80 -7.59
CA LEU B 115 -4.44 -10.85 -6.57
C LEU B 115 -5.83 -10.88 -5.92
N SER B 116 -6.31 -12.06 -5.56
CA SER B 116 -7.51 -12.23 -4.77
C SER B 116 -7.11 -12.81 -3.44
N VAL B 117 -7.48 -12.14 -2.34
CA VAL B 117 -7.23 -12.69 -1.02
C VAL B 117 -8.57 -13.09 -0.40
N LYS B 118 -8.69 -14.37 -0.06
CA LYS B 118 -9.94 -14.89 0.47
C LYS B 118 -9.71 -15.15 1.95
N MET B 119 -10.52 -14.54 2.78
CA MET B 119 -10.35 -14.64 4.23
C MET B 119 -11.57 -15.17 4.94
N PHE B 120 -11.33 -15.80 6.09
CA PHE B 120 -12.38 -16.35 6.92
C PHE B 120 -11.76 -16.69 8.25
N TYR B 121 -12.59 -16.93 9.27
CA TYR B 121 -12.06 -17.31 10.57
C TYR B 121 -11.89 -18.81 10.62
N GLY B 122 -11.05 -19.29 11.53
CA GLY B 122 -10.81 -20.71 11.73
C GLY B 122 -12.06 -21.58 11.88
N ASN B 123 -13.16 -21.02 12.35
CA ASN B 123 -14.42 -21.77 12.45
C ASN B 123 -15.21 -21.70 11.14
N SER B 124 -14.55 -21.18 10.11
CA SER B 124 -15.10 -21.04 8.75
C SER B 124 -16.15 -19.93 8.57
N ASP B 125 -16.32 -19.05 9.56
CA ASP B 125 -17.15 -17.87 9.33
C ASP B 125 -16.51 -17.01 8.25
N ASP B 126 -17.28 -16.65 7.24
CA ASP B 126 -16.75 -15.95 6.08
C ASP B 126 -16.45 -14.49 6.39
N ILE B 127 -15.28 -14.02 5.94
CA ILE B 127 -14.93 -12.60 5.97
C ILE B 127 -15.11 -12.02 4.58
N GLY B 128 -14.38 -12.56 3.60
CA GLY B 128 -14.67 -12.25 2.21
C GLY B 128 -13.49 -12.35 1.26
N VAL B 129 -13.64 -11.71 0.10
CA VAL B 129 -12.60 -11.70 -0.91
C VAL B 129 -12.15 -10.26 -1.17
N PHE B 130 -10.84 -10.03 -1.05
CA PHE B 130 -10.26 -8.70 -1.18
C PHE B 130 -9.27 -8.67 -2.35
N LEU B 131 -9.43 -7.71 -3.25
CA LEU B 131 -8.57 -7.60 -4.42
C LEU B 131 -7.38 -6.62 -4.24
N SER B 132 -6.23 -6.97 -4.78
CA SER B 132 -5.12 -6.04 -4.86
C SER B 132 -5.41 -5.02 -5.96
N LYS B 133 -4.52 -4.03 -6.08
CA LYS B 133 -4.59 -3.13 -7.21
C LYS B 133 -4.14 -3.90 -8.47
N ARG B 134 -4.36 -3.29 -9.62
CA ARG B 134 -4.00 -3.89 -10.89
C ARG B 134 -2.48 -4.14 -11.00
N ILE B 135 -2.11 -5.31 -11.48
CA ILE B 135 -0.70 -5.66 -11.66
C ILE B 135 -0.44 -5.97 -13.14
N LYS B 136 0.60 -5.36 -13.72
CA LYS B 136 0.91 -5.48 -15.14
C LYS B 136 1.90 -6.63 -15.40
N VAL B 137 1.54 -7.52 -16.32
CA VAL B 137 2.45 -8.61 -16.69
C VAL B 137 3.53 -8.08 -17.63
N ILE B 138 4.80 -8.44 -17.38
CA ILE B 138 5.88 -8.10 -18.32
C ILE B 138 6.62 -9.37 -18.72
N SER B 139 7.30 -9.31 -19.86
CA SER B 139 7.97 -10.50 -20.40
C SER B 139 9.30 -10.71 -19.69
N LYS B 140 10.03 -9.62 -19.53
CA LYS B 140 11.24 -9.58 -18.71
C LYS B 140 11.58 -8.10 -18.56
N PRO B 141 12.54 -7.77 -17.66
CA PRO B 141 12.95 -6.35 -17.64
C PRO B 141 13.68 -5.95 -18.92
N SER B 142 13.57 -4.68 -19.30
CA SER B 142 14.21 -4.18 -20.53
CA SER B 142 14.20 -4.19 -20.54
C SER B 142 15.73 -4.31 -20.49
N LYS B 145 18.44 -0.13 -22.90
CA LYS B 145 17.72 1.15 -22.74
C LYS B 145 16.20 0.97 -22.84
N GLN B 146 15.48 1.84 -22.13
CA GLN B 146 14.03 1.83 -22.10
C GLN B 146 13.60 3.25 -22.45
N SER B 147 12.46 3.40 -23.12
CA SER B 147 11.96 4.73 -23.48
C SER B 147 10.92 5.23 -22.47
N LEU B 148 10.82 6.56 -22.35
CA LEU B 148 9.82 7.21 -21.51
C LEU B 148 8.41 7.02 -22.09
N LYS B 149 8.37 6.52 -23.32
CA LYS B 149 7.13 6.17 -24.01
C LYS B 149 6.27 5.26 -23.15
N ASN B 150 6.91 4.33 -22.43
CA ASN B 150 6.17 3.44 -21.54
C ASN B 150 6.38 3.78 -20.06
N ALA B 151 5.66 4.80 -19.61
CA ALA B 151 5.81 5.33 -18.26
C ALA B 151 5.44 4.33 -17.16
N ASP B 152 4.71 3.28 -17.53
CA ASP B 152 4.40 2.20 -16.59
C ASP B 152 5.63 1.38 -16.27
N LEU B 153 6.63 1.44 -17.14
CA LEU B 153 7.85 0.72 -16.84
C LEU B 153 8.90 1.65 -16.24
N CYS B 154 8.68 2.96 -16.39
CA CYS B 154 9.59 3.93 -15.78
C CYS B 154 9.23 4.20 -14.33
N ILE B 155 9.98 5.10 -13.68
CA ILE B 155 9.79 5.34 -12.25
C ILE B 155 9.81 6.83 -11.99
N ALA B 156 8.65 7.39 -11.68
CA ALA B 156 8.52 8.82 -11.46
C ALA B 156 9.07 9.18 -10.09
N SER B 157 9.76 10.30 -10.01
CA SER B 157 10.20 10.84 -8.72
C SER B 157 8.98 11.05 -7.83
N GLY B 158 9.07 10.69 -6.56
CA GLY B 158 7.93 10.84 -5.66
C GLY B 158 6.98 9.64 -5.60
N THR B 159 7.31 8.54 -6.27
CA THR B 159 6.52 7.33 -6.16
C THR B 159 7.29 6.29 -5.34
N LYS B 160 6.62 5.21 -4.96
CA LYS B 160 7.20 4.23 -4.05
C LYS B 160 7.78 3.00 -4.73
N VAL B 161 8.93 2.55 -4.24
CA VAL B 161 9.59 1.39 -4.78
C VAL B 161 10.00 0.47 -3.65
N ALA B 162 10.14 -0.82 -3.99
CA ALA B 162 10.78 -1.77 -3.09
C ALA B 162 12.14 -2.07 -3.68
N LEU B 163 13.03 -2.60 -2.85
CA LEU B 163 14.40 -2.84 -3.26
C LEU B 163 14.84 -4.16 -2.66
N PHE B 164 15.31 -5.07 -3.50
CA PHE B 164 15.71 -6.36 -2.97
C PHE B 164 17.02 -6.87 -3.53
N ASN B 165 17.67 -7.73 -2.74
CA ASN B 165 18.98 -8.24 -3.07
C ASN B 165 18.96 -9.76 -3.06
N ARG B 166 19.57 -10.37 -4.08
CA ARG B 166 19.60 -11.82 -4.23
C ARG B 166 21.06 -12.25 -4.31
N LEU B 167 21.46 -13.23 -3.51
CA LEU B 167 22.84 -13.72 -3.53
C LEU B 167 23.02 -14.96 -4.42
N THR B 171 17.41 -18.27 -4.54
CA THR B 171 16.11 -17.75 -4.12
C THR B 171 15.99 -17.67 -2.59
N VAL B 172 16.76 -18.50 -1.89
CA VAL B 172 16.77 -18.52 -0.42
C VAL B 172 17.50 -17.31 0.17
N SER B 173 18.30 -16.66 -0.65
CA SER B 173 19.12 -15.56 -0.16
C SER B 173 18.38 -14.23 -0.14
N THR B 174 17.20 -14.16 -0.76
CA THR B 174 16.52 -12.88 -1.02
C THR B 174 16.28 -12.04 0.22
N ARG B 175 16.79 -10.82 0.22
CA ARG B 175 16.52 -9.88 1.32
C ARG B 175 15.99 -8.56 0.77
N TYR B 176 15.20 -7.86 1.59
CA TYR B 176 14.49 -6.65 1.15
C TYR B 176 14.92 -5.49 2.02
N LEU B 177 15.13 -4.31 1.43
CA LEU B 177 15.35 -3.11 2.24
C LEU B 177 14.13 -2.85 3.11
N HIS B 178 14.36 -2.61 4.39
CA HIS B 178 13.28 -2.42 5.34
C HIS B 178 13.78 -1.61 6.55
N VAL B 179 12.88 -0.85 7.18
CA VAL B 179 13.24 -0.08 8.36
C VAL B 179 12.55 -0.69 9.56
N GLU B 180 13.31 -0.97 10.61
CA GLU B 180 12.69 -1.30 11.90
C GLU B 180 13.65 -1.06 13.06
N GLY B 181 13.11 -0.81 14.25
CA GLY B 181 13.95 -0.51 15.41
C GLY B 181 14.84 0.70 15.18
N GLY B 182 14.35 1.63 14.36
CA GLY B 182 15.06 2.87 14.07
C GLY B 182 16.26 2.70 13.15
N ASN B 183 16.40 1.54 12.51
CA ASN B 183 17.49 1.36 11.56
C ASN B 183 17.01 0.80 10.23
N PHE B 184 17.75 1.07 9.16
CA PHE B 184 17.51 0.37 7.91
C PHE B 184 18.15 -1.00 8.07
N HIS B 185 17.49 -2.05 7.59
CA HIS B 185 18.13 -3.36 7.56
CA HIS B 185 18.01 -3.42 7.62
C HIS B 185 17.73 -4.10 6.30
N ALA B 186 18.31 -5.29 6.12
CA ALA B 186 18.00 -6.10 4.95
C ALA B 186 17.24 -7.30 5.46
N SER B 187 15.91 -7.23 5.40
CA SER B 187 15.06 -8.23 6.04
C SER B 187 14.72 -9.41 5.15
N SER B 188 14.57 -10.59 5.75
CA SER B 188 14.14 -11.75 4.99
C SER B 188 12.65 -11.98 5.13
N GLN B 189 12.01 -11.19 5.99
CA GLN B 189 10.60 -11.42 6.31
C GLN B 189 9.65 -10.30 5.87
N GLN B 190 10.13 -9.07 5.84
CA GLN B 190 9.28 -7.94 5.46
C GLN B 190 10.01 -7.02 4.48
N TRP B 191 9.26 -6.21 3.73
CA TRP B 191 9.87 -5.25 2.84
C TRP B 191 9.22 -3.90 2.98
N GLY B 192 10.03 -2.84 2.94
CA GLY B 192 9.50 -1.50 2.99
C GLY B 192 9.18 -0.96 1.61
N ALA B 193 8.36 0.08 1.58
CA ALA B 193 8.09 0.81 0.35
C ALA B 193 8.69 2.18 0.55
N PHE B 194 9.56 2.58 -0.35
CA PHE B 194 10.32 3.82 -0.19
C PHE B 194 9.98 4.81 -1.28
N TYR B 195 9.63 6.03 -0.89
CA TYR B 195 9.61 7.14 -1.85
C TYR B 195 11.00 7.29 -2.44
N ILE B 196 11.09 7.38 -3.76
CA ILE B 196 12.35 7.73 -4.39
C ILE B 196 12.18 9.12 -4.97
N HIS B 197 12.94 10.08 -4.44
CA HIS B 197 12.84 11.46 -4.88
C HIS B 197 14.08 11.90 -5.61
N LEU B 198 13.89 12.47 -6.79
CA LEU B 198 14.98 13.10 -7.54
C LEU B 198 15.44 14.39 -6.84
N LEU B 199 16.76 14.55 -6.68
CA LEU B 199 17.33 15.83 -6.21
C LEU B 199 18.21 16.45 -7.31
N ASP B 200 18.35 17.77 -7.30
CA ASP B 200 19.31 18.42 -8.22
C ASP B 200 20.76 18.03 -7.91
N ASP B 201 21.64 18.10 -8.91
CA ASP B 201 23.02 17.63 -8.74
C ASP B 201 23.77 18.38 -7.65
N ASP B 202 23.29 19.58 -7.31
CA ASP B 202 24.05 20.43 -6.42
C ASP B 202 23.32 20.70 -5.11
N GLU B 203 22.32 19.87 -4.80
CA GLU B 203 21.64 19.91 -3.50
C GLU B 203 22.48 19.19 -2.44
N SER B 204 22.49 19.71 -1.22
CA SER B 204 23.42 19.24 -0.20
C SER B 204 22.74 18.35 0.84
N GLU B 205 23.53 17.54 1.54
CA GLU B 205 22.97 16.62 2.53
C GLU B 205 22.26 17.41 3.62
N GLY B 206 21.28 16.79 4.26
CA GLY B 206 20.58 17.43 5.35
C GLY B 206 19.26 16.74 5.65
N GLU B 207 18.73 17.00 6.83
CA GLU B 207 17.40 16.54 7.20
C GLU B 207 16.32 17.20 6.34
N GLU B 208 16.58 18.42 5.90
CA GLU B 208 15.68 19.12 4.98
C GLU B 208 16.35 19.18 3.63
N PHE B 209 15.58 18.97 2.58
CA PHE B 209 16.13 18.95 1.22
C PHE B 209 15.02 19.22 0.20
N THR B 210 15.41 19.68 -0.99
CA THR B 210 14.44 19.95 -2.04
C THR B 210 14.38 18.84 -3.08
N VAL B 211 13.18 18.40 -3.42
CA VAL B 211 13.00 17.32 -4.39
C VAL B 211 12.41 17.86 -5.69
N ARG B 212 12.61 17.13 -6.79
CA ARG B 212 12.17 17.60 -8.10
C ARG B 212 11.30 16.54 -8.78
N ASP B 213 10.49 16.98 -9.73
CA ASP B 213 9.60 16.07 -10.45
C ASP B 213 10.38 15.51 -11.61
N GLY B 214 9.91 14.39 -12.16
CA GLY B 214 10.53 13.82 -13.34
C GLY B 214 10.75 12.33 -13.20
N TYR B 215 11.13 11.68 -14.29
CA TYR B 215 11.41 10.25 -14.25
C TYR B 215 12.85 10.04 -13.84
N ILE B 216 13.09 9.03 -13.00
CA ILE B 216 14.43 8.77 -12.50
C ILE B 216 15.31 8.14 -13.58
N HIS B 217 16.50 8.72 -13.74
CA HIS B 217 17.52 8.22 -14.67
C HIS B 217 18.77 7.84 -13.90
N TYR B 218 19.47 6.80 -14.35
CA TYR B 218 20.80 6.46 -13.83
C TYR B 218 21.73 7.66 -13.89
N GLY B 219 22.59 7.79 -12.88
CA GLY B 219 23.45 8.95 -12.76
C GLY B 219 22.85 10.08 -11.94
N GLN B 220 21.54 10.08 -11.76
CA GLN B 220 20.91 11.15 -10.99
C GLN B 220 21.06 10.95 -9.48
N THR B 221 20.89 12.04 -8.73
CA THR B 221 20.99 11.98 -7.27
C THR B 221 19.58 11.84 -6.70
N VAL B 222 19.39 10.87 -5.79
CA VAL B 222 18.07 10.58 -5.20
C VAL B 222 18.13 10.46 -3.67
N LYS B 223 16.98 10.69 -3.05
CA LYS B 223 16.76 10.38 -1.65
C LYS B 223 15.71 9.26 -1.59
N LEU B 224 15.99 8.26 -0.75
CA LEU B 224 15.05 7.18 -0.46
C LEU B 224 14.47 7.43 0.91
N VAL B 225 13.16 7.53 1.00
CA VAL B 225 12.49 7.86 2.26
C VAL B 225 11.45 6.78 2.61
N CYS B 226 11.56 6.17 3.78
CA CYS B 226 10.61 5.14 4.18
C CYS B 226 9.21 5.70 4.27
N SER B 227 8.27 5.07 3.58
CA SER B 227 6.89 5.55 3.58
C SER B 227 6.23 5.33 4.94
N VAL B 228 6.79 4.44 5.75
CA VAL B 228 6.17 4.11 7.04
C VAL B 228 6.76 4.90 8.22
N THR B 229 8.09 4.98 8.28
CA THR B 229 8.80 5.69 9.35
C THR B 229 9.24 7.11 8.98
N GLY B 230 9.35 7.41 7.68
CA GLY B 230 9.77 8.74 7.25
C GLY B 230 11.28 8.98 7.32
N MET B 231 12.01 7.95 7.72
CA MET B 231 13.46 8.03 7.79
C MET B 231 14.07 7.84 6.39
N ALA B 232 15.21 8.50 6.15
CA ALA B 232 15.86 8.49 4.84
C ALA B 232 17.31 8.10 4.92
N LEU B 233 17.83 7.55 3.83
CA LEU B 233 19.25 7.28 3.70
C LEU B 233 19.93 8.57 3.21
N PRO B 234 21.28 8.63 3.26
CA PRO B 234 21.95 9.81 2.69
C PRO B 234 21.69 9.89 1.20
N ARG B 235 22.02 11.03 0.59
CA ARG B 235 21.93 11.20 -0.86
C ARG B 235 22.62 10.06 -1.58
N LEU B 236 21.98 9.52 -2.62
CA LEU B 236 22.55 8.42 -3.38
C LEU B 236 22.60 8.74 -4.85
N ILE B 237 23.57 8.18 -5.54
CA ILE B 237 23.56 8.26 -6.99
C ILE B 237 23.17 6.89 -7.47
N ILE B 238 22.03 6.81 -8.16
CA ILE B 238 21.56 5.51 -8.62
C ILE B 238 22.27 5.18 -9.92
N ARG B 239 22.87 4.00 -9.96
CA ARG B 239 23.68 3.59 -11.10
C ARG B 239 23.24 2.25 -11.62
N LYS B 240 23.44 2.05 -12.90
CA LYS B 240 23.04 0.81 -13.57
C LYS B 240 24.09 -0.26 -13.27
N VAL B 241 23.63 -1.50 -13.09
CA VAL B 241 24.53 -2.61 -12.82
C VAL B 241 24.58 -3.59 -13.99
N ASP B 242 25.78 -3.98 -14.38
CA ASP B 242 25.97 -5.02 -15.38
C ASP B 242 26.74 -6.15 -14.71
N LYS B 243 26.10 -7.31 -14.61
CA LYS B 243 26.67 -8.44 -13.88
C LYS B 243 27.12 -7.99 -12.49
N GLN B 244 28.42 -7.72 -12.33
CA GLN B 244 28.94 -7.34 -11.01
C GLN B 244 29.51 -5.94 -10.96
N THR B 245 29.27 -5.13 -11.98
CA THR B 245 29.84 -3.80 -12.00
C THR B 245 28.82 -2.67 -12.11
N ALA B 246 29.08 -1.59 -11.40
CA ALA B 246 28.35 -0.34 -11.61
C ALA B 246 28.86 0.42 -12.84
N LEU B 247 27.95 0.83 -13.72
CA LEU B 247 28.31 1.66 -14.88
C LEU B 247 28.07 3.12 -14.54
N LEU B 248 29.14 3.89 -14.39
CA LEU B 248 29.02 5.28 -13.92
C LEU B 248 28.56 6.23 -15.02
N ASP B 249 28.59 5.78 -16.27
CA ASP B 249 28.26 6.67 -17.37
C ASP B 249 26.84 6.46 -17.89
N ALA B 250 26.20 5.39 -17.44
CA ALA B 250 24.81 5.11 -17.85
C ALA B 250 23.90 6.26 -17.40
N ASP B 251 22.90 6.59 -18.23
CA ASP B 251 22.02 7.71 -17.95
C ASP B 251 20.59 7.52 -18.50
N ASP B 252 20.24 6.29 -18.87
CA ASP B 252 18.88 6.00 -19.37
C ASP B 252 17.85 5.92 -18.22
N PRO B 253 16.54 5.84 -18.55
CA PRO B 253 15.58 5.80 -17.43
C PRO B 253 15.68 4.51 -16.62
N VAL B 254 15.53 4.63 -15.31
CA VAL B 254 15.46 3.45 -14.48
C VAL B 254 14.14 2.77 -14.80
N SER B 255 14.18 1.45 -14.97
CA SER B 255 12.97 0.71 -15.36
C SER B 255 12.64 -0.40 -14.37
N GLN B 256 11.39 -0.87 -14.39
CA GLN B 256 10.92 -1.93 -13.49
C GLN B 256 11.82 -3.15 -13.50
N LEU B 257 12.20 -3.61 -12.30
CA LEU B 257 12.99 -4.85 -12.13
C LEU B 257 14.41 -4.78 -12.71
N HIS B 258 14.92 -3.57 -12.92
CA HIS B 258 16.34 -3.34 -13.23
C HIS B 258 17.23 -3.57 -12.00
N LYS B 259 18.44 -4.08 -12.22
CA LYS B 259 19.47 -4.14 -11.18
C LYS B 259 20.18 -2.79 -11.04
N CYS B 260 20.23 -2.27 -9.80
CA CYS B 260 20.81 -0.96 -9.53
CA CYS B 260 20.81 -0.96 -9.53
C CYS B 260 21.84 -1.04 -8.43
N ALA B 261 22.66 0.01 -8.35
CA ALA B 261 23.58 0.21 -7.26
C ALA B 261 23.35 1.62 -6.79
N PHE B 262 23.58 1.86 -5.51
CA PHE B 262 23.39 3.16 -4.91
C PHE B 262 24.72 3.62 -4.33
N TYR B 263 25.34 4.59 -5.01
CA TYR B 263 26.60 5.15 -4.52
C TYR B 263 26.25 6.24 -3.54
N LEU B 264 26.85 6.19 -2.35
CA LEU B 264 26.65 7.25 -1.38
C LEU B 264 27.43 8.47 -1.84
N LYS B 265 26.70 9.52 -2.20
CA LYS B 265 27.31 10.73 -2.77
C LYS B 265 28.34 11.34 -1.82
N ASP B 266 29.45 11.81 -2.41
CA ASP B 266 30.57 12.40 -1.67
C ASP B 266 31.28 11.40 -0.74
N THR B 267 31.45 10.17 -1.21
CA THR B 267 32.26 9.20 -0.48
C THR B 267 33.29 8.61 -1.41
N GLU B 268 34.28 7.92 -0.84
CA GLU B 268 35.27 7.24 -1.65
C GLU B 268 34.71 5.91 -2.15
N ARG B 269 33.94 5.98 -3.23
CA ARG B 269 33.38 4.77 -3.86
C ARG B 269 32.56 3.86 -2.91
N MET B 270 31.97 4.43 -1.86
CA MET B 270 31.11 3.64 -0.94
C MET B 270 29.70 3.41 -1.51
N TYR B 271 29.26 2.15 -1.50
CA TYR B 271 27.93 1.79 -2.01
C TYR B 271 27.05 1.20 -0.92
N LEU B 272 25.74 1.41 -1.07
CA LEU B 272 24.75 0.84 -0.15
C LEU B 272 24.84 -0.68 -0.27
N CYS B 273 25.10 -1.36 0.84
CA CYS B 273 25.38 -2.79 0.79
C CYS B 273 24.80 -3.53 2.00
N LEU B 274 24.34 -4.77 1.78
CA LEU B 274 23.95 -5.62 2.90
C LEU B 274 25.08 -6.57 3.30
N SER B 275 25.11 -6.90 4.59
CA SER B 275 25.95 -7.97 5.12
C SER B 275 25.00 -8.79 6.00
N GLN B 276 24.48 -9.89 5.45
CA GLN B 276 23.34 -10.58 6.06
C GLN B 276 22.20 -9.57 6.33
N GLU B 277 21.74 -9.43 7.57
CA GLU B 277 20.62 -8.51 7.81
C GLU B 277 21.04 -7.05 7.94
N ARG B 278 22.35 -6.81 7.98
CA ARG B 278 22.88 -5.47 8.24
C ARG B 278 23.00 -4.63 6.97
N ILE B 279 22.63 -3.35 7.08
CA ILE B 279 22.89 -2.40 5.98
C ILE B 279 24.16 -1.61 6.32
N ILE B 280 25.16 -1.68 5.44
CA ILE B 280 26.42 -0.97 5.64
C ILE B 280 26.80 -0.26 4.36
N GLN B 281 27.87 0.54 4.39
CA GLN B 281 28.46 0.98 3.12
C GLN B 281 29.69 0.15 2.83
N PHE B 282 29.93 -0.14 1.56
CA PHE B 282 31.06 -0.97 1.17
C PHE B 282 31.77 -0.40 -0.05
N GLN B 283 33.09 -0.29 0.02
CA GLN B 283 33.86 0.40 -1.01
C GLN B 283 33.99 -0.40 -2.31
N ALA B 284 33.73 0.25 -3.44
CA ALA B 284 33.84 -0.41 -4.74
C ALA B 284 35.31 -0.55 -5.14
N THR B 285 35.56 -1.48 -6.06
CA THR B 285 36.88 -1.69 -6.63
C THR B 285 36.98 -1.06 -8.02
N PRO B 286 37.91 -0.12 -8.20
CA PRO B 286 38.00 0.55 -9.50
C PRO B 286 38.44 -0.46 -10.56
N CYS B 287 37.94 -0.30 -11.79
CA CYS B 287 38.26 -1.25 -12.85
C CYS B 287 39.48 -0.84 -13.67
N PRO B 288 40.33 -1.83 -14.02
CA PRO B 288 41.63 -1.67 -14.70
C PRO B 288 41.65 -0.66 -15.85
N LYS B 289 41.18 -1.09 -17.02
CA LYS B 289 41.23 -0.26 -18.22
C LYS B 289 39.89 0.41 -18.52
N GLU B 290 38.83 -0.11 -17.91
CA GLU B 290 37.51 0.49 -18.03
C GLU B 290 37.21 1.33 -16.80
N GLN B 291 37.58 2.61 -16.82
CA GLN B 291 37.48 3.44 -15.61
C GLN B 291 36.15 4.21 -15.48
N ASN B 292 35.18 3.86 -16.32
CA ASN B 292 33.80 4.30 -16.15
C ASN B 292 33.01 3.20 -15.44
N LYS B 293 33.73 2.18 -14.98
CA LYS B 293 33.15 1.06 -14.25
C LYS B 293 33.81 0.88 -12.88
N GLU B 294 33.03 0.44 -11.91
CA GLU B 294 33.54 0.05 -10.61
C GLU B 294 32.98 -1.31 -10.25
N MET B 295 33.80 -2.15 -9.63
CA MET B 295 33.35 -3.48 -9.23
C MET B 295 32.78 -3.42 -7.81
N ILE B 296 31.56 -3.96 -7.65
CA ILE B 296 30.84 -3.83 -6.38
C ILE B 296 30.59 -5.18 -5.72
N ASN B 297 30.52 -5.17 -4.40
CA ASN B 297 30.16 -6.33 -3.62
C ASN B 297 28.82 -6.91 -4.08
N ASP B 298 28.64 -8.22 -3.96
CA ASP B 298 27.36 -8.84 -4.32
C ASP B 298 26.18 -8.28 -3.51
N GLY B 299 26.46 -7.79 -2.30
CA GLY B 299 25.43 -7.24 -1.44
C GLY B 299 25.08 -5.81 -1.78
N ALA B 300 25.70 -5.30 -2.85
CA ALA B 300 25.55 -3.90 -3.25
C ALA B 300 24.62 -3.75 -4.44
N SER B 301 24.19 -4.88 -4.98
CA SER B 301 23.30 -4.89 -6.14
C SER B 301 21.85 -5.02 -5.68
N TRP B 302 21.02 -4.05 -6.06
CA TRP B 302 19.61 -4.04 -5.66
C TRP B 302 18.63 -4.00 -6.82
N THR B 303 17.62 -4.88 -6.81
CA THR B 303 16.59 -4.82 -7.84
C THR B 303 15.49 -3.88 -7.41
N ILE B 304 15.08 -2.99 -8.33
CA ILE B 304 14.07 -1.97 -8.04
C ILE B 304 12.74 -2.28 -8.72
N ILE B 305 11.64 -2.01 -8.03
CA ILE B 305 10.29 -2.24 -8.56
C ILE B 305 9.27 -1.34 -7.86
N SER B 306 8.35 -0.76 -8.64
CA SER B 306 7.33 0.13 -8.11
C SER B 306 6.30 -0.68 -7.34
N THR B 307 5.79 -0.09 -6.25
CA THR B 307 4.84 -0.82 -5.41
C THR B 307 3.50 -0.11 -5.34
N ASP B 308 2.51 -0.79 -4.76
CA ASP B 308 1.16 -0.26 -4.68
C ASP B 308 0.49 -0.94 -3.49
N LYS B 309 -0.69 -0.46 -3.12
CA LYS B 309 -1.43 -1.13 -2.05
C LYS B 309 -2.92 -0.93 -2.14
N ALA B 310 -3.67 -1.92 -1.66
CA ALA B 310 -5.11 -1.84 -1.56
C ALA B 310 -5.51 -1.94 -0.10
N GLU B 311 -6.55 -1.20 0.25
CA GLU B 311 -6.92 -1.07 1.65
C GLU B 311 -8.43 -1.18 1.75
N TYR B 312 -8.89 -2.01 2.67
CA TYR B 312 -10.32 -2.27 2.86
C TYR B 312 -10.63 -2.18 4.35
N THR B 313 -11.67 -1.43 4.69
CA THR B 313 -11.97 -1.14 6.09
C THR B 313 -13.45 -1.39 6.43
N PHE B 314 -13.69 -2.22 7.44
CA PHE B 314 -15.07 -2.57 7.80
C PHE B 314 -15.18 -2.80 9.31
N TYR B 315 -16.41 -2.85 9.80
CA TYR B 315 -16.67 -2.93 11.23
C TYR B 315 -18.05 -3.53 11.45
N GLU B 316 -18.14 -4.46 12.39
CA GLU B 316 -19.42 -5.11 12.67
C GLU B 316 -20.17 -4.26 13.70
N GLY B 317 -21.00 -3.34 13.21
CA GLY B 317 -21.70 -2.40 14.07
C GLY B 317 -22.76 -3.02 14.95
N MET B 318 -23.37 -4.12 14.50
CA MET B 318 -24.35 -4.86 15.30
C MET B 318 -23.89 -6.29 15.57
N GLY B 319 -22.61 -6.48 15.84
CA GLY B 319 -22.10 -7.83 16.10
C GLY B 319 -22.04 -8.70 14.87
N PRO B 320 -21.74 -10.00 15.04
CA PRO B 320 -21.45 -10.92 13.92
C PRO B 320 -22.57 -10.97 12.90
N VAL B 321 -22.23 -11.18 11.64
CA VAL B 321 -23.25 -11.24 10.57
C VAL B 321 -23.06 -12.52 9.78
N LEU B 322 -24.05 -12.89 8.97
CA LEU B 322 -23.92 -14.12 8.18
C LEU B 322 -23.12 -13.89 6.91
N ALA B 323 -23.44 -12.81 6.22
CA ALA B 323 -22.83 -12.52 4.93
C ALA B 323 -21.38 -12.06 5.09
N PRO B 324 -20.54 -12.28 4.06
CA PRO B 324 -19.22 -11.67 4.02
C PRO B 324 -19.33 -10.15 3.94
N VAL B 325 -18.29 -9.44 4.38
CA VAL B 325 -18.36 -7.98 4.43
C VAL B 325 -18.03 -7.36 3.08
N THR B 326 -17.58 -8.20 2.16
CA THR B 326 -17.18 -7.80 0.83
C THR B 326 -18.32 -8.07 -0.13
N PRO B 327 -18.35 -7.40 -1.30
CA PRO B 327 -17.45 -6.33 -1.76
C PRO B 327 -17.56 -5.05 -0.92
N VAL B 328 -16.42 -4.52 -0.47
CA VAL B 328 -16.43 -3.32 0.35
C VAL B 328 -16.74 -2.13 -0.54
N PRO B 329 -17.80 -1.37 -0.21
CA PRO B 329 -18.11 -0.20 -1.03
C PRO B 329 -17.06 0.88 -0.82
N VAL B 330 -16.71 1.59 -1.88
CA VAL B 330 -15.68 2.63 -1.79
C VAL B 330 -16.19 3.93 -2.38
N VAL B 331 -16.12 5.01 -1.60
CA VAL B 331 -16.54 6.31 -2.09
C VAL B 331 -15.33 7.06 -2.67
N GLU B 332 -15.38 7.38 -3.95
CA GLU B 332 -14.32 8.18 -4.55
C GLU B 332 -14.57 9.68 -4.34
N SER B 333 -15.79 10.14 -4.61
CA SER B 333 -16.11 11.57 -4.44
C SER B 333 -17.55 11.89 -4.00
N LEU B 334 -17.71 13.03 -3.34
CA LEU B 334 -19.00 13.59 -2.95
C LEU B 334 -19.23 14.90 -3.68
N GLN B 335 -20.44 15.12 -4.18
CA GLN B 335 -20.75 16.42 -4.78
C GLN B 335 -22.13 16.92 -4.37
N LEU B 336 -22.19 18.17 -3.94
CA LEU B 336 -23.44 18.85 -3.66
C LEU B 336 -24.37 18.86 -4.86
N ASN B 337 -25.68 18.95 -4.59
CA ASN B 337 -26.73 18.77 -5.59
C ASN B 337 -28.06 19.31 -5.07
N GLY B 339 -30.12 22.93 -5.05
CA GLY B 339 -30.45 22.20 -6.26
C GLY B 339 -31.94 21.86 -6.32
N GLY B 340 -32.41 21.08 -5.36
CA GLY B 340 -33.83 20.80 -5.23
C GLY B 340 -34.44 21.61 -4.10
N ASP B 341 -35.52 21.08 -3.52
CA ASP B 341 -36.17 21.69 -2.35
C ASP B 341 -35.28 21.55 -1.09
N VAL B 342 -34.54 20.44 -1.03
CA VAL B 342 -33.51 20.23 -0.01
C VAL B 342 -32.21 19.80 -0.70
N ALA B 343 -31.08 19.90 -0.01
CA ALA B 343 -29.78 19.56 -0.60
C ALA B 343 -29.58 18.06 -0.73
N MET B 344 -28.89 17.65 -1.78
CA MET B 344 -28.58 16.24 -1.98
C MET B 344 -27.10 16.03 -2.32
N LEU B 345 -26.59 14.87 -1.95
CA LEU B 345 -25.20 14.54 -2.19
C LEU B 345 -25.11 13.42 -3.21
N GLU B 346 -24.35 13.63 -4.27
CA GLU B 346 -24.11 12.56 -5.23
C GLU B 346 -22.85 11.82 -4.78
N LEU B 347 -22.94 10.50 -4.59
CA LEU B 347 -21.75 9.70 -4.28
C LEU B 347 -21.29 8.92 -5.50
N THR B 348 -20.00 9.03 -5.80
CA THR B 348 -19.40 8.24 -6.87
C THR B 348 -18.39 7.29 -6.24
N GLY B 349 -18.27 6.09 -6.79
CA GLY B 349 -17.33 5.13 -6.24
C GLY B 349 -17.57 3.73 -6.77
N GLN B 350 -17.37 2.73 -5.92
CA GLN B 350 -17.45 1.37 -6.39
C GLN B 350 -18.13 0.47 -5.38
N ASN B 351 -18.81 -0.55 -5.90
CA ASN B 351 -19.46 -1.60 -5.11
C ASN B 351 -20.64 -1.16 -4.26
N PHE B 352 -21.34 -0.11 -4.71
CA PHE B 352 -22.59 0.30 -4.06
C PHE B 352 -23.68 -0.74 -4.30
N THR B 353 -24.62 -0.84 -3.36
CA THR B 353 -25.76 -1.76 -3.48
C THR B 353 -27.04 -1.08 -2.97
N PRO B 354 -28.22 -1.67 -3.26
CA PRO B 354 -29.44 -1.01 -2.74
C PRO B 354 -29.66 -1.18 -1.23
N ASN B 355 -28.76 -1.85 -0.52
CA ASN B 355 -28.93 -2.09 0.91
C ASN B 355 -27.95 -1.28 1.71
N LEU B 356 -27.48 -0.19 1.13
CA LEU B 356 -26.56 0.69 1.83
C LEU B 356 -27.31 1.99 2.14
N ARG B 357 -27.00 2.59 3.29
CA ARG B 357 -27.47 3.93 3.58
C ARG B 357 -26.25 4.77 3.93
N VAL B 358 -26.28 6.03 3.53
CA VAL B 358 -25.27 6.99 3.95
C VAL B 358 -25.73 7.51 5.31
N TRP B 359 -24.81 7.52 6.27
CA TRP B 359 -25.06 8.18 7.55
C TRP B 359 -24.21 9.43 7.70
N PHE B 360 -24.84 10.50 8.20
CA PHE B 360 -24.17 11.74 8.59
C PHE B 360 -24.12 11.73 10.11
N GLY B 361 -22.94 11.58 10.70
CA GLY B 361 -22.86 11.38 12.15
C GLY B 361 -23.74 10.21 12.53
N ASP B 362 -24.55 10.37 13.58
CA ASP B 362 -25.45 9.29 14.00
C ASP B 362 -26.84 9.40 13.37
N VAL B 363 -26.95 10.12 12.26
CA VAL B 363 -28.22 10.27 11.56
C VAL B 363 -28.20 9.54 10.22
N GLU B 364 -29.13 8.62 10.04
CA GLU B 364 -29.22 7.81 8.83
C GLU B 364 -29.99 8.57 7.75
N ALA B 365 -29.39 8.73 6.58
CA ALA B 365 -29.97 9.60 5.55
C ALA B 365 -30.77 8.82 4.53
N GLU B 366 -31.76 9.46 3.91
CA GLU B 366 -32.50 8.83 2.82
C GLU B 366 -31.51 8.64 1.68
N THR B 367 -31.44 7.42 1.15
CA THR B 367 -30.35 7.05 0.24
C THR B 367 -30.90 6.30 -0.96
N MET B 368 -30.53 6.75 -2.17
CA MET B 368 -31.03 6.11 -3.40
C MET B 368 -29.89 5.47 -4.17
N TYR B 369 -30.13 4.27 -4.67
CA TYR B 369 -29.11 3.56 -5.41
C TYR B 369 -29.35 3.72 -6.91
N ARG B 370 -28.35 4.19 -7.65
CA ARG B 370 -28.51 4.30 -9.11
C ARG B 370 -27.85 3.13 -9.84
N CYS B 371 -26.59 2.87 -9.49
CA CYS B 371 -25.90 1.68 -9.97
C CYS B 371 -24.70 1.45 -9.05
N GLY B 372 -23.89 0.44 -9.35
CA GLY B 372 -22.77 0.09 -8.47
C GLY B 372 -21.80 1.23 -8.20
N GLU B 373 -21.88 2.29 -9.03
CA GLU B 373 -20.94 3.40 -8.93
C GLU B 373 -21.58 4.72 -8.54
N SER B 374 -22.88 4.71 -8.27
CA SER B 374 -23.55 5.99 -8.01
C SER B 374 -24.71 5.90 -7.03
N MET B 375 -24.61 6.65 -5.93
CA MET B 375 -25.75 6.81 -5.02
C MET B 375 -26.06 8.29 -4.84
N LEU B 376 -27.29 8.57 -4.43
CA LEU B 376 -27.72 9.94 -4.20
C LEU B 376 -28.33 9.91 -2.82
N CYS B 377 -28.04 10.90 -1.99
CA CYS B 377 -28.66 10.91 -0.66
C CYS B 377 -29.08 12.30 -0.24
N VAL B 378 -30.06 12.35 0.65
CA VAL B 378 -30.62 13.62 1.11
C VAL B 378 -29.96 14.08 2.39
N VAL B 379 -29.43 15.31 2.35
CA VAL B 379 -28.73 15.89 3.48
C VAL B 379 -29.74 16.13 4.59
N PRO B 380 -29.49 15.53 5.78
CA PRO B 380 -30.44 15.75 6.88
C PRO B 380 -30.50 17.21 7.25
N ASP B 381 -31.63 17.64 7.81
CA ASP B 381 -31.75 19.00 8.26
C ASP B 381 -30.84 19.22 9.46
N ILE B 382 -30.30 20.42 9.57
CA ILE B 382 -29.38 20.78 10.63
C ILE B 382 -29.93 20.51 12.04
N SER B 383 -31.25 20.54 12.17
CA SER B 383 -31.88 20.33 13.49
C SER B 383 -31.76 18.89 13.97
N ALA B 384 -31.39 17.99 13.06
CA ALA B 384 -31.10 16.60 13.41
C ALA B 384 -29.80 16.51 14.19
N PHE B 385 -28.99 17.57 14.13
CA PHE B 385 -27.74 17.61 14.85
C PHE B 385 -27.75 18.63 15.97
N ARG B 386 -28.46 19.73 15.75
CA ARG B 386 -28.52 20.82 16.71
C ARG B 386 -29.97 21.12 17.04
N GLU B 387 -30.39 20.73 18.24
CA GLU B 387 -31.78 20.81 18.63
C GLU B 387 -32.31 22.24 18.60
N GLY B 388 -33.33 22.48 17.79
CA GLY B 388 -33.96 23.78 17.74
C GLY B 388 -33.47 24.71 16.66
N TRP B 389 -32.23 24.53 16.20
CA TRP B 389 -31.70 25.37 15.12
C TRP B 389 -32.65 25.35 13.91
N ARG B 390 -33.08 26.54 13.51
CA ARG B 390 -33.99 26.69 12.37
C ARG B 390 -33.17 27.08 11.15
N TRP B 391 -31.91 27.41 11.40
CA TRP B 391 -30.93 27.64 10.36
C TRP B 391 -29.54 27.29 10.91
N VAL B 392 -28.52 27.30 10.06
CA VAL B 392 -27.17 26.99 10.52
C VAL B 392 -26.55 28.17 11.24
N ARG B 393 -26.58 28.15 12.58
CA ARG B 393 -26.05 29.24 13.39
C ARG B 393 -24.53 29.32 13.28
N GLN B 394 -23.88 28.17 13.45
CA GLN B 394 -22.41 28.04 13.40
C GLN B 394 -22.07 26.84 12.52
N PRO B 395 -20.84 26.80 11.95
CA PRO B 395 -20.49 25.62 11.16
C PRO B 395 -20.53 24.32 11.98
N VAL B 396 -21.12 23.27 11.41
CA VAL B 396 -21.18 21.95 12.04
C VAL B 396 -20.69 20.90 11.04
N GLN B 397 -19.60 20.20 11.39
CA GLN B 397 -19.05 19.17 10.50
C GLN B 397 -19.37 17.79 11.06
N VAL B 398 -19.83 16.88 10.20
CA VAL B 398 -20.19 15.54 10.64
C VAL B 398 -19.55 14.49 9.73
N PRO B 399 -19.26 13.29 10.26
CA PRO B 399 -18.66 12.25 9.42
C PRO B 399 -19.66 11.62 8.47
N VAL B 400 -19.14 11.20 7.32
CA VAL B 400 -19.91 10.45 6.35
C VAL B 400 -19.48 8.98 6.39
N THR B 401 -20.47 8.11 6.58
CA THR B 401 -20.20 6.68 6.73
C THR B 401 -21.18 5.91 5.87
N LEU B 402 -20.76 4.77 5.33
CA LEU B 402 -21.67 3.90 4.61
C LEU B 402 -22.02 2.73 5.54
N VAL B 403 -23.28 2.34 5.56
CA VAL B 403 -23.76 1.32 6.49
C VAL B 403 -24.63 0.32 5.73
N ARG B 404 -24.36 -0.96 5.91
CA ARG B 404 -25.17 -2.02 5.28
C ARG B 404 -26.34 -2.39 6.20
N ASN B 405 -27.38 -3.02 5.64
CA ASN B 405 -28.59 -3.33 6.40
C ASN B 405 -28.44 -4.39 7.51
N ASP B 406 -27.32 -5.11 7.52
CA ASP B 406 -27.01 -6.03 8.63
C ASP B 406 -26.09 -5.38 9.67
N GLY B 407 -25.87 -4.08 9.52
CA GLY B 407 -25.14 -3.35 10.54
C GLY B 407 -23.65 -3.19 10.29
N VAL B 408 -23.16 -3.71 9.17
CA VAL B 408 -21.73 -3.52 8.88
C VAL B 408 -21.49 -2.06 8.53
N ILE B 409 -20.50 -1.47 9.19
CA ILE B 409 -20.17 -0.07 8.98
C ILE B 409 -18.92 0.03 8.14
N TYR B 410 -18.94 0.84 7.08
CA TYR B 410 -17.77 1.05 6.25
C TYR B 410 -17.29 2.48 6.38
N SER B 411 -16.22 2.65 7.15
CA SER B 411 -15.60 3.93 7.37
C SER B 411 -15.25 4.61 6.05
N THR B 412 -15.46 5.93 5.98
CA THR B 412 -14.87 6.75 4.92
C THR B 412 -14.10 7.86 5.63
N SER B 413 -13.18 8.49 4.91
CA SER B 413 -12.49 9.65 5.45
C SER B 413 -13.24 10.96 5.14
N LEU B 414 -14.45 10.83 4.60
CA LEU B 414 -15.19 12.03 4.20
C LEU B 414 -16.04 12.63 5.33
N THR B 415 -16.28 13.94 5.23
CA THR B 415 -17.12 14.67 6.15
C THR B 415 -18.08 15.52 5.34
N PHE B 416 -19.10 16.04 6.00
CA PHE B 416 -19.99 17.04 5.43
C PHE B 416 -20.03 18.16 6.44
N THR B 417 -20.00 19.41 5.97
CA THR B 417 -20.04 20.54 6.88
C THR B 417 -21.26 21.42 6.60
N TYR B 418 -22.05 21.70 7.63
CA TYR B 418 -23.13 22.66 7.51
C TYR B 418 -22.49 24.02 7.68
N THR B 419 -22.73 24.91 6.74
CA THR B 419 -22.11 26.24 6.76
CA THR B 419 -22.11 26.23 6.75
C THR B 419 -23.17 27.34 6.74
N PRO B 420 -23.01 28.34 7.63
CA PRO B 420 -23.98 29.45 7.68
C PRO B 420 -24.15 30.16 6.34
N GLU B 421 -25.39 30.61 6.10
CA GLU B 421 -25.80 31.26 4.86
C GLU B 421 -25.14 32.62 4.73
N ASP C 1 5.71 20.16 -8.38
CA ASP C 1 6.63 21.30 -8.36
C ASP C 1 7.89 20.91 -7.57
N ALA C 2 8.85 21.82 -7.47
CA ALA C 2 9.98 21.59 -6.57
C ALA C 2 9.43 21.73 -5.15
N ALA C 3 9.82 20.82 -4.27
CA ALA C 3 9.21 20.80 -2.94
C ALA C 3 10.24 20.62 -1.83
N LYS C 4 10.05 21.32 -0.72
CA LYS C 4 10.94 21.19 0.44
C LYS C 4 10.41 20.09 1.34
N LEU C 5 11.24 19.07 1.60
CA LEU C 5 10.80 17.98 2.47
C LEU C 5 11.70 17.85 3.70
N ARG C 6 11.22 17.12 4.70
CA ARG C 6 11.98 16.78 5.91
C ARG C 6 12.03 15.27 6.07
N ALA C 7 13.24 14.72 6.25
CA ALA C 7 13.41 13.30 6.61
C ALA C 7 14.65 13.05 7.47
N LEU C 8 14.43 12.47 8.66
CA LEU C 8 15.50 12.09 9.57
C LEU C 8 16.56 11.27 8.85
N LEU C 9 17.80 11.71 8.91
CA LEU C 9 18.87 11.01 8.22
C LEU C 9 19.35 9.78 9.00
N TRP C 10 19.61 8.70 8.27
CA TRP C 10 20.22 7.49 8.83
C TRP C 10 21.33 7.08 7.88
N THR C 11 22.57 7.21 8.36
CA THR C 11 23.76 6.90 7.56
C THR C 11 24.28 5.50 7.86
N PRO C 12 24.51 4.70 6.81
CA PRO C 12 24.99 3.33 7.04
C PRO C 12 26.43 3.32 7.57
N PRO C 13 26.71 2.48 8.58
CA PRO C 13 28.03 2.34 9.18
C PRO C 13 29.02 1.78 8.16
N PRO C 14 30.31 2.14 8.26
CA PRO C 14 31.32 1.54 7.40
C PRO C 14 31.49 0.06 7.73
N THR C 15 31.98 -0.73 6.78
CA THR C 15 32.16 -2.16 7.01
C THR C 15 33.14 -2.43 8.16
N PRO C 16 32.88 -3.49 8.93
CA PRO C 16 33.72 -3.87 10.08
C PRO C 16 35.12 -4.25 9.65
#